data_6V1H
#
_entry.id   6V1H
#
_cell.length_a   71.430
_cell.length_b   109.020
_cell.length_c   36.900
_cell.angle_alpha   90.000
_cell.angle_beta   90.000
_cell.angle_gamma   90.000
#
_symmetry.space_group_name_H-M   'C 2 2 21'
#
loop_
_entity.id
_entity.type
_entity.pdbx_description
1 polymer 'Bromodomain-containing protein 7'
2 non-polymer Bromosporine
3 non-polymer 1,2-ETHANEDIOL
4 water water
#
_entity_poly.entity_id   1
_entity_poly.type   'polypeptide(L)'
_entity_poly.pdbx_seq_one_letter_code
;GAASEEVEQTPLQEALNQLMRQLQRKDPSAFFSFPVTDFIAPGYSMIIKHPMDFSTMKEKIKNNDYQSIEELKDNFKLMC
TNAMIYNKPETIYYKAAKKLLHSGMKILSQERIQSLKQSIDFMADL
;
_entity_poly.pdbx_strand_id   A
#
loop_
_chem_comp.id
_chem_comp.type
_chem_comp.name
_chem_comp.formula
BMF non-polymer Bromosporine 'C17 H20 N6 O4 S'
EDO non-polymer 1,2-ETHANEDIOL 'C2 H6 O2'
#
# COMPACT_ATOMS: atom_id res chain seq x y z
N GLU A 8 -16.56 8.04 -15.02
CA GLU A 8 -15.38 7.21 -15.22
C GLU A 8 -14.99 6.47 -13.93
N GLN A 9 -14.66 7.18 -12.84
CA GLN A 9 -14.31 6.53 -11.58
C GLN A 9 -15.37 6.77 -10.52
N THR A 10 -15.53 5.78 -9.63
CA THR A 10 -16.47 5.95 -8.54
C THR A 10 -15.88 6.84 -7.46
N PRO A 11 -16.71 7.37 -6.57
CA PRO A 11 -16.14 8.09 -5.43
C PRO A 11 -15.22 7.22 -4.60
N LEU A 12 -15.52 5.92 -4.45
CA LEU A 12 -14.60 5.05 -3.72
C LEU A 12 -13.27 4.95 -4.44
N GLN A 13 -13.27 4.70 -5.74
CA GLN A 13 -12.02 4.64 -6.49
C GLN A 13 -11.23 5.94 -6.35
N GLU A 14 -11.91 7.08 -6.42
CA GLU A 14 -11.20 8.35 -6.29
C GLU A 14 -10.61 8.53 -4.90
N ALA A 15 -11.33 8.11 -3.87
CA ALA A 15 -10.78 8.21 -2.53
C ALA A 15 -9.55 7.32 -2.38
N LEU A 16 -9.62 6.11 -2.93
CA LEU A 16 -8.49 5.17 -2.87
C LEU A 16 -7.25 5.78 -3.52
N ASN A 17 -7.44 6.43 -4.67
CA ASN A 17 -6.33 7.04 -5.39
C ASN A 17 -5.71 8.21 -4.62
N GLN A 18 -6.54 9.01 -3.96
CA GLN A 18 -6.02 10.12 -3.15
C GLN A 18 -5.20 9.59 -1.97
N LEU A 19 -5.67 8.52 -1.35
CA LEU A 19 -4.88 7.85 -0.30
C LEU A 19 -3.59 7.27 -0.85
N MET A 20 -3.65 6.64 -2.03
CA MET A 20 -2.45 6.08 -2.65
C MET A 20 -1.41 7.16 -2.90
N ARG A 21 -1.84 8.32 -3.36
CA ARG A 21 -0.88 9.39 -3.61
C ARG A 21 -0.23 9.88 -2.32
N GLN A 22 -0.98 9.90 -1.20
CA GLN A 22 -0.36 10.26 0.07
C GLN A 22 0.61 9.18 0.55
N LEU A 23 0.24 7.93 0.37
CA LEU A 23 1.14 6.85 0.76
C LEU A 23 2.41 6.87 -0.09
N GLN A 24 2.31 7.15 -1.38
CA GLN A 24 3.51 7.12 -2.21
C GLN A 24 4.39 8.33 -1.95
N ARG A 25 3.83 9.42 -1.43
CA ARG A 25 4.66 10.54 -1.00
C ARG A 25 5.58 10.16 0.14
N LYS A 26 5.32 9.05 0.83
CA LYS A 26 6.16 8.62 1.94
C LYS A 26 7.21 7.58 1.54
N ASP A 27 7.42 7.39 0.25
CA ASP A 27 8.44 6.48 -0.29
C ASP A 27 9.27 7.21 -1.34
N PRO A 28 9.95 8.29 -0.94
CA PRO A 28 10.69 9.07 -1.95
C PRO A 28 11.81 8.27 -2.60
N SER A 29 12.37 7.28 -1.91
CA SER A 29 13.40 6.45 -2.54
C SER A 29 12.84 5.49 -3.57
N ALA A 30 11.51 5.32 -3.60
CA ALA A 30 10.78 4.54 -4.61
C ALA A 30 11.01 3.04 -4.50
N PHE A 31 11.33 2.52 -3.30
CA PHE A 31 11.53 1.08 -3.16
C PHE A 31 10.24 0.31 -3.44
N PHE A 32 9.08 0.91 -3.20
CA PHE A 32 7.82 0.18 -3.19
C PHE A 32 6.99 0.48 -4.44
N SER A 33 7.60 1.02 -5.48
CA SER A 33 6.84 1.46 -6.64
C SER A 33 6.41 0.29 -7.51
N PHE A 34 7.29 -0.66 -7.74
CA PHE A 34 7.08 -1.80 -8.62
C PHE A 34 7.46 -3.09 -7.92
N PRO A 35 7.00 -4.25 -8.42
CA PRO A 35 7.28 -5.50 -7.71
C PRO A 35 8.78 -5.73 -7.56
N VAL A 36 9.16 -6.30 -6.41
CA VAL A 36 10.55 -6.71 -6.21
C VAL A 36 10.82 -7.94 -7.04
N THR A 37 11.87 -7.91 -7.83
CA THR A 37 12.27 -9.03 -8.68
C THR A 37 13.33 -9.88 -7.98
N ASP A 38 13.42 -11.15 -8.39
CA ASP A 38 14.47 -12.00 -7.84
C ASP A 38 15.83 -11.53 -8.30
N PHE A 39 15.91 -10.84 -9.44
CA PHE A 39 17.22 -10.31 -9.87
C PHE A 39 17.73 -9.31 -8.85
N ILE A 40 16.83 -8.46 -8.35
CA ILE A 40 17.15 -7.47 -7.32
C ILE A 40 17.36 -8.13 -5.97
N ALA A 41 16.50 -9.10 -5.63
CA ALA A 41 16.46 -9.65 -4.28
C ALA A 41 16.42 -11.17 -4.40
N PRO A 42 17.58 -11.81 -4.52
CA PRO A 42 17.63 -13.26 -4.75
C PRO A 42 16.76 -14.05 -3.80
N GLY A 43 16.01 -15.00 -4.35
CA GLY A 43 15.13 -15.86 -3.57
C GLY A 43 13.83 -15.24 -3.13
N TYR A 44 13.58 -13.98 -3.50
CA TYR A 44 12.41 -13.26 -3.00
C TYR A 44 11.14 -14.05 -3.23
N SER A 45 10.99 -14.62 -4.43
CA SER A 45 9.76 -15.32 -4.75
C SER A 45 9.57 -16.59 -3.93
N MET A 46 10.65 -17.18 -3.41
CA MET A 46 10.51 -18.36 -2.55
C MET A 46 10.24 -18.00 -1.10
N ILE A 47 10.59 -16.80 -0.69
CA ILE A 47 10.42 -16.34 0.69
C ILE A 47 9.07 -15.68 0.90
N ILE A 48 8.66 -14.80 -0.02
CA ILE A 48 7.48 -13.95 0.16
C ILE A 48 6.33 -14.59 -0.63
N LYS A 49 5.31 -15.06 0.08
CA LYS A 49 4.24 -15.79 -0.60
C LYS A 49 3.25 -14.86 -1.30
N HIS A 50 3.10 -13.61 -0.82
CA HIS A 50 2.09 -12.68 -1.34
C HIS A 50 2.71 -11.32 -1.60
N PRO A 51 3.45 -11.18 -2.68
CA PRO A 51 4.04 -9.87 -3.01
C PRO A 51 2.98 -8.80 -3.20
N MET A 52 3.39 -7.55 -2.91
CA MET A 52 2.54 -6.39 -3.13
C MET A 52 3.44 -5.18 -3.35
N ASP A 53 2.95 -4.21 -4.13
CA ASP A 53 3.66 -2.97 -4.41
C ASP A 53 2.65 -1.91 -4.81
N PHE A 54 3.10 -0.66 -4.89
CA PHE A 54 2.15 0.43 -5.18
C PHE A 54 1.55 0.31 -6.58
N SER A 55 2.33 -0.17 -7.55
CA SER A 55 1.83 -0.23 -8.90
C SER A 55 0.74 -1.30 -9.03
N THR A 56 0.94 -2.43 -8.34
CA THR A 56 -0.10 -3.47 -8.28
C THR A 56 -1.35 -2.95 -7.59
N MET A 57 -1.19 -2.18 -6.52
CA MET A 57 -2.35 -1.60 -5.85
C MET A 57 -3.08 -0.61 -6.73
N LYS A 58 -2.34 0.23 -7.46
CA LYS A 58 -3.01 1.17 -8.36
C LYS A 58 -3.81 0.45 -9.44
N GLU A 59 -3.35 -0.72 -9.87
CA GLU A 59 -4.11 -1.48 -10.86
C GLU A 59 -5.37 -2.06 -10.25
N LYS A 60 -5.28 -2.58 -9.03
CA LYS A 60 -6.49 -3.03 -8.34
C LYS A 60 -7.52 -1.91 -8.20
N ILE A 61 -7.10 -0.70 -7.80
CA ILE A 61 -8.04 0.44 -7.84
C ILE A 61 -8.60 0.64 -9.24
N LYS A 62 -7.75 0.57 -10.27
CA LYS A 62 -8.27 0.87 -11.61
C LYS A 62 -9.25 -0.21 -12.07
N ASN A 63 -8.99 -1.47 -11.74
CA ASN A 63 -9.88 -2.55 -12.13
C ASN A 63 -11.02 -2.77 -11.14
N ASN A 64 -11.16 -1.90 -10.14
CA ASN A 64 -12.27 -1.97 -9.18
C ASN A 64 -12.21 -3.24 -8.33
N ASP A 65 -11.00 -3.69 -7.99
CA ASP A 65 -10.86 -4.89 -7.17
C ASP A 65 -11.04 -4.64 -5.67
N TYR A 66 -11.00 -3.38 -5.23
CA TYR A 66 -11.21 -3.06 -3.83
C TYR A 66 -12.67 -2.71 -3.61
N GLN A 67 -13.27 -3.30 -2.58
CA GLN A 67 -14.62 -2.86 -2.25
C GLN A 67 -14.65 -2.07 -0.96
N SER A 68 -13.52 -1.89 -0.29
CA SER A 68 -13.44 -1.03 0.88
C SER A 68 -12.04 -0.43 0.96
N ILE A 69 -11.96 0.71 1.67
CA ILE A 69 -10.65 1.24 2.03
C ILE A 69 -9.87 0.24 2.87
N GLU A 70 -10.56 -0.53 3.72
CA GLU A 70 -9.84 -1.48 4.58
C GLU A 70 -9.12 -2.55 3.77
N GLU A 71 -9.62 -2.92 2.58
CA GLU A 71 -8.85 -3.89 1.79
C GLU A 71 -7.56 -3.27 1.27
N LEU A 72 -7.61 -2.01 0.85
CA LEU A 72 -6.37 -1.33 0.46
C LEU A 72 -5.43 -1.20 1.65
N LYS A 73 -5.98 -0.89 2.83
CA LYS A 73 -5.17 -0.82 4.05
C LYS A 73 -4.46 -2.15 4.34
N ASP A 74 -5.15 -3.28 4.14
CA ASP A 74 -4.53 -4.60 4.33
C ASP A 74 -3.40 -4.85 3.33
N ASN A 75 -3.61 -4.51 2.06
CA ASN A 75 -2.57 -4.63 1.05
C ASN A 75 -1.36 -3.75 1.39
N PHE A 76 -1.61 -2.52 1.87
CA PHE A 76 -0.50 -1.65 2.23
C PHE A 76 0.30 -2.25 3.40
N LYS A 77 -0.39 -2.74 4.43
CA LYS A 77 0.33 -3.39 5.53
C LYS A 77 1.14 -4.58 5.04
N LEU A 78 0.54 -5.39 4.17
CA LEU A 78 1.22 -6.54 3.57
C LEU A 78 2.50 -6.11 2.85
N MET A 79 2.42 -5.05 2.06
CA MET A 79 3.56 -4.56 1.32
C MET A 79 4.74 -4.21 2.24
N CYS A 80 4.45 -3.51 3.34
CA CYS A 80 5.51 -3.12 4.28
C CYS A 80 6.04 -4.31 5.05
N THR A 81 5.16 -5.18 5.51
CA THR A 81 5.67 -6.27 6.32
C THR A 81 6.42 -7.30 5.48
N ASN A 82 6.11 -7.43 4.17
CA ASN A 82 6.92 -8.30 3.31
C ASN A 82 8.38 -7.86 3.34
N ALA A 83 8.60 -6.56 3.36
CA ALA A 83 9.97 -6.06 3.34
C ALA A 83 10.66 -6.31 4.67
N MET A 84 9.90 -6.35 5.75
CA MET A 84 10.46 -6.64 7.07
C MET A 84 10.71 -8.13 7.27
N ILE A 85 10.14 -8.99 6.42
CA ILE A 85 10.44 -10.43 6.48
C ILE A 85 11.63 -10.78 5.62
N TYR A 86 11.71 -10.25 4.40
CA TYR A 86 12.81 -10.60 3.50
C TYR A 86 14.13 -9.97 3.94
N ASN A 87 14.10 -8.73 4.43
CA ASN A 87 15.31 -7.94 4.72
C ASN A 87 15.56 -7.93 6.22
N LYS A 88 16.86 -7.97 6.63
CA LYS A 88 17.12 -8.00 8.07
C LYS A 88 16.90 -6.63 8.71
N PRO A 89 16.65 -6.59 10.03
CA PRO A 89 16.36 -5.31 10.73
C PRO A 89 17.37 -4.20 10.52
N GLU A 90 18.64 -4.52 10.31
CA GLU A 90 19.62 -3.46 10.17
C GLU A 90 19.64 -2.82 8.78
N THR A 91 18.93 -3.36 7.80
CA THR A 91 19.08 -2.94 6.41
C THR A 91 18.24 -1.69 6.12
N ILE A 92 18.64 -0.97 5.07
CA ILE A 92 17.91 0.24 4.74
C ILE A 92 16.48 -0.10 4.32
N TYR A 93 16.27 -1.30 3.75
CA TYR A 93 14.92 -1.60 3.27
C TYR A 93 14.00 -1.96 4.42
N TYR A 94 14.53 -2.66 5.43
CA TYR A 94 13.72 -2.94 6.60
C TYR A 94 13.33 -1.64 7.30
N LYS A 95 14.31 -0.77 7.56
CA LYS A 95 13.98 0.50 8.23
C LYS A 95 13.08 1.38 7.37
N ALA A 96 13.24 1.37 6.05
CA ALA A 96 12.33 2.16 5.23
C ALA A 96 10.90 1.61 5.30
N ALA A 97 10.76 0.29 5.27
CA ALA A 97 9.44 -0.33 5.40
C ALA A 97 8.81 0.01 6.74
N LYS A 98 9.59 -0.07 7.83
CA LYS A 98 9.01 0.21 9.15
C LYS A 98 8.52 1.64 9.24
N LYS A 99 9.31 2.59 8.73
CA LYS A 99 8.91 3.98 8.75
C LYS A 99 7.66 4.19 7.90
N LEU A 100 7.64 3.61 6.70
CA LEU A 100 6.48 3.74 5.82
C LEU A 100 5.22 3.17 6.45
N LEU A 101 5.34 2.00 7.08
CA LEU A 101 4.18 1.37 7.72
C LEU A 101 3.59 2.27 8.80
N HIS A 102 4.46 2.86 9.62
CA HIS A 102 4.00 3.74 10.70
C HIS A 102 3.36 5.00 10.13
N SER A 103 3.95 5.55 9.06
CA SER A 103 3.38 6.77 8.47
C SER A 103 2.04 6.47 7.81
N GLY A 104 1.97 5.34 7.10
CA GLY A 104 0.74 5.02 6.39
C GLY A 104 -0.39 4.60 7.32
N MET A 105 -0.06 4.06 8.49
CA MET A 105 -1.12 3.74 9.44
C MET A 105 -1.84 4.97 9.96
N LYS A 106 -1.18 6.15 9.99
CA LYS A 106 -1.91 7.38 10.25
C LYS A 106 -2.57 7.94 9.01
N ILE A 107 -1.94 7.79 7.84
CA ILE A 107 -2.58 8.23 6.61
C ILE A 107 -3.84 7.43 6.37
N LEU A 108 -3.80 6.12 6.63
CA LEU A 108 -4.99 5.28 6.57
C LEU A 108 -5.68 5.22 7.91
N SER A 109 -5.79 6.34 8.62
CA SER A 109 -6.37 6.32 9.96
C SER A 109 -7.82 5.88 9.94
N GLN A 110 -8.23 5.23 11.03
CA GLN A 110 -9.65 4.91 11.17
C GLN A 110 -10.53 6.15 11.10
N GLU A 111 -10.00 7.30 11.52
CA GLU A 111 -10.77 8.55 11.46
C GLU A 111 -10.96 9.04 10.02
N ARG A 112 -9.92 8.96 9.18
CA ARG A 112 -10.08 9.30 7.77
C ARG A 112 -11.01 8.31 7.08
N ILE A 113 -10.88 7.03 7.42
CA ILE A 113 -11.74 6.03 6.80
C ILE A 113 -13.21 6.32 7.11
N GLN A 114 -13.51 6.63 8.37
CA GLN A 114 -14.89 6.92 8.75
C GLN A 114 -15.43 8.14 8.00
N SER A 115 -14.61 9.18 7.86
CA SER A 115 -15.05 10.37 7.16
C SER A 115 -15.33 10.06 5.70
N LEU A 116 -14.44 9.32 5.06
CA LEU A 116 -14.61 8.98 3.65
C LEU A 116 -15.82 8.08 3.44
N LYS A 117 -16.06 7.15 4.36
CA LYS A 117 -17.21 6.27 4.24
C LYS A 117 -18.49 7.09 4.14
N GLN A 118 -18.62 8.13 4.97
CA GLN A 118 -19.82 8.95 4.90
C GLN A 118 -19.93 9.68 3.58
N SER A 119 -18.86 10.33 3.14
CA SER A 119 -19.01 11.14 1.93
C SER A 119 -19.16 10.25 0.69
N ILE A 120 -18.56 9.06 0.71
CA ILE A 120 -18.77 8.08 -0.35
C ILE A 120 -20.22 7.61 -0.36
N ASP A 121 -20.78 7.33 0.83
CA ASP A 121 -22.18 6.92 0.94
C ASP A 121 -23.10 8.02 0.48
N PHE A 122 -22.79 9.28 0.82
CA PHE A 122 -23.69 10.35 0.42
C PHE A 122 -23.61 10.60 -1.09
N MET A 123 -22.53 10.17 -1.75
CA MET A 123 -22.45 10.40 -3.19
C MET A 123 -23.09 9.28 -4.00
N ALA A 124 -23.66 8.27 -3.36
CA ALA A 124 -24.39 7.20 -4.05
C ALA A 124 -25.45 7.71 -5.01
C10 BMF B . 14.61 -1.95 -4.17
N12 BMF B . 13.06 -2.97 -2.61
C15 BMF B . 15.00 -4.90 -1.67
C17 BMF B . 17.22 -6.06 -1.61
C20 BMF B . 19.22 -8.56 -1.88
C22 BMF B . 15.31 -3.95 -2.65
C26 BMF B . 10.35 -3.32 -1.27
C28 BMF B . 16.11 -0.58 -5.55
C01 BMF B . 15.25 0.99 -7.35
C02 BMF B . 15.02 -0.03 -6.27
C03 BMF B . 13.73 -0.45 -5.93
N04 BMF B . 12.57 0.06 -6.65
S05 BMF B . 11.59 -0.94 -7.57
C06 BMF B . 12.32 -1.07 -9.10
O07 BMF B . 10.36 -0.23 -7.60
O08 BMF B . 11.53 -2.26 -7.04
C09 BMF B . 13.56 -1.41 -4.91
C11 BMF B . 14.32 -2.98 -3.12
N13 BMF B . 12.79 -3.94 -1.66
C14 BMF B . 13.68 -4.91 -1.16
N16 BMF B . 15.88 -5.90 -1.16
O18 BMF B . 17.88 -6.89 -0.71
C19 BMF B . 19.22 -7.21 -1.14
O21 BMF B . 17.72 -5.55 -2.55
N23 BMF B . 13.00 -5.68 -0.25
N24 BMF B . 11.72 -5.20 -0.16
C25 BMF B . 11.55 -4.14 -1.00
C27 BMF B . 15.92 -1.54 -4.51
C1 EDO C . 4.51 12.14 9.46
O1 EDO C . 5.06 11.00 8.78
C2 EDO C . 5.63 12.93 10.12
O2 EDO C . 6.19 12.16 11.18
#